data_3LWV
#
_entry.id   3LWV
#
_cell.length_a   186.838
_cell.length_b   64.326
_cell.length_c   83.362
_cell.angle_alpha   90.00
_cell.angle_beta   90.00
_cell.angle_gamma   90.00
#
_symmetry.space_group_name_H-M   'P 21 21 2'
#
loop_
_entity.id
_entity.type
_entity.pdbx_description
1 polymer 'Probable tRNA pseudouridine synthase B'
2 polymer 'Ribosome biogenesis protein Nop10'
3 polymer 'Large ribosomal subunit protein eL8'
4 polymer 'H/ACA RNA'
5 polymer "5'-R(*GP*AP*GP*CP*GP*(du)P*GP*CP*GP*GP*UP*UP*U)-3'"
6 non-polymer 'ZINC ION'
7 water water
#
loop_
_entity_poly.entity_id
_entity_poly.type
_entity_poly.pdbx_seq_one_letter_code
_entity_poly.pdbx_strand_id
1 'polypeptide(L)'
;MARDEVRRILPADIKREVLIKDENAETNPDWGFPPEKRPIEMHIQFGVINLDKPPGPTSHEVVAWIKKILNLEKAGHGGT
LDPKVSGVLPVALEKATRVVQALLPAGKEYVALMHLHGDVPEDKIIQVMKEFEGEIIQRPPLRSAVKRRLRTRKVYYIEV
LEIEGRDVLFRVGVEAGTYIRSLIHHIGLALGVGAHMSELRRTRSGPFKEDETLITLHDLVDYYYFWKEDGIEEYFRKAI
QPMEKAVEHLPKVWIKDSAVAAVTHGADLAVPGIAKLHAGIKRGDLVAIMTLKDELVALGKAMMTSQEMLEKTKGIAVDV
EKVFMPRDWYPKLWEKRDRS
;
A
2 'polypeptide(L)' MRFRIRKCPKCGRYTLKEVCPVCGEKTKVAHPPRFSPEDPYGEYRRRWKREVLGIGRKEK B
3 'polypeptide(L)'
;MAKPSYVKFEVPKELAEKALQAVEIARDTGKIRKGTNETTKAVERGQAKLVIIAEDVDPEEIVAHLPPLCEEKEIPYIYV
PSKKELGAAAGIEVAAASVAIIEPGKARDLVEEIAMKVKELMK
;
C
4 'polyribonucleotide' GGGCCACGGAAACCGCGCGCGGUGAUCAAUGAGCCGCGUUCGCUCCCGUGGCCCACAA D
5 'polyribonucleotide' GAGCG(DU)GCGGUUU E
#
loop_
_chem_comp.id
_chem_comp.type
_chem_comp.name
_chem_comp.formula
A RNA linking ADENOSINE-5'-MONOPHOSPHATE 'C10 H14 N5 O7 P'
C RNA linking CYTIDINE-5'-MONOPHOSPHATE 'C9 H14 N3 O8 P'
DU DNA linking 2'-DEOXYURIDINE-5'-MONOPHOSPHATE 'C9 H13 N2 O8 P'
G RNA linking GUANOSINE-5'-MONOPHOSPHATE 'C10 H14 N5 O8 P'
U RNA linking URIDINE-5'-MONOPHOSPHATE 'C9 H13 N2 O9 P'
ZN non-polymer 'ZINC ION' 'Zn 2'
#
# COMPACT_ATOMS: atom_id res chain seq x y z
N ARG A 8 -19.20 0.22 9.62
CA ARG A 8 -17.94 0.48 8.89
C ARG A 8 -17.26 1.73 9.45
N ILE A 9 -17.59 2.05 10.69
CA ILE A 9 -17.25 3.33 11.28
C ILE A 9 -16.27 3.21 12.45
N LEU A 10 -15.18 3.97 12.38
CA LEU A 10 -14.21 4.05 13.47
C LEU A 10 -14.29 5.46 14.07
N PRO A 11 -13.86 5.60 15.34
CA PRO A 11 -13.90 6.88 16.05
C PRO A 11 -13.10 7.98 15.35
N ALA A 12 -12.15 7.59 14.50
CA ALA A 12 -11.35 8.57 13.74
C ALA A 12 -12.20 9.23 12.67
N ASP A 13 -13.36 8.64 12.39
CA ASP A 13 -14.24 9.11 11.34
C ASP A 13 -15.18 10.19 11.82
N ILE A 14 -15.37 10.31 13.13
CA ILE A 14 -16.33 11.29 13.62
C ILE A 14 -15.99 12.63 13.00
N LYS A 15 -17.03 13.35 12.59
CA LYS A 15 -16.87 14.70 12.04
C LYS A 15 -16.86 15.71 13.18
N ARG A 16 -16.01 16.71 13.08
CA ARG A 16 -15.94 17.71 14.12
C ARG A 16 -16.46 19.09 13.69
N GLU A 17 -16.96 19.83 14.66
CA GLU A 17 -17.39 21.19 14.39
C GLU A 17 -16.22 22.13 14.63
N VAL A 18 -16.03 23.07 13.70
CA VAL A 18 -15.05 24.12 13.85
C VAL A 18 -15.70 25.31 14.56
N LEU A 19 -15.20 25.65 15.74
CA LEU A 19 -15.62 26.86 16.44
C LEU A 19 -14.65 28.01 16.11
N ILE A 20 -15.21 29.17 15.78
CA ILE A 20 -14.44 30.36 15.42
C ILE A 20 -14.18 31.26 16.62
N LYS A 21 -12.91 31.50 16.93
CA LYS A 21 -12.59 32.39 18.04
C LYS A 21 -12.26 33.83 17.61
N ASP A 22 -11.50 34.00 16.53
CA ASP A 22 -11.19 35.32 15.98
C ASP A 22 -11.56 35.40 14.49
N GLU A 23 -12.73 35.94 14.19
CA GLU A 23 -13.23 36.03 12.82
C GLU A 23 -12.38 36.94 11.95
N ASN A 24 -11.61 37.81 12.60
CA ASN A 24 -10.80 38.79 11.90
C ASN A 24 -9.43 38.30 11.47
N ALA A 25 -9.01 37.15 12.00
CA ALA A 25 -7.70 36.59 11.70
C ALA A 25 -7.52 36.23 10.22
N GLU A 26 -6.43 36.72 9.64
CA GLU A 26 -6.06 36.44 8.26
C GLU A 26 -4.66 35.84 8.26
N THR A 27 -4.25 35.19 7.19
CA THR A 27 -2.87 34.72 7.11
C THR A 27 -2.07 35.47 6.02
N ASN A 28 -0.78 35.65 6.29
CA ASN A 28 0.14 36.31 5.35
C ASN A 28 0.78 35.27 4.45
N PRO A 29 0.54 35.37 3.13
CA PRO A 29 0.97 34.34 2.18
C PRO A 29 2.48 34.34 1.90
N ASP A 30 3.21 35.28 2.49
CA ASP A 30 4.67 35.33 2.33
C ASP A 30 5.38 34.47 3.39
N TRP A 31 4.61 33.93 4.34
CA TRP A 31 5.18 33.18 5.44
C TRP A 31 4.80 31.70 5.40
N GLY A 32 5.76 30.85 5.71
CA GLY A 32 5.52 29.41 5.74
C GLY A 32 5.39 28.77 4.37
N PHE A 33 5.23 27.45 4.38
CA PHE A 33 5.03 26.70 3.15
C PHE A 33 3.87 25.73 3.31
N PRO A 34 2.71 26.09 2.74
CA PRO A 34 1.61 25.13 2.62
C PRO A 34 2.14 23.94 1.84
N PRO A 35 1.61 22.75 2.11
CA PRO A 35 2.06 21.48 1.51
C PRO A 35 2.37 21.54 0.01
N GLU A 36 1.53 22.23 -0.78
CA GLU A 36 1.69 22.24 -2.23
C GLU A 36 2.44 23.47 -2.72
N LYS A 37 3.22 24.05 -1.85
CA LYS A 37 4.02 25.20 -2.19
C LYS A 37 5.43 24.86 -1.77
N ARG A 38 5.64 23.57 -1.51
CA ARG A 38 6.92 23.07 -1.04
C ARG A 38 7.76 22.49 -2.17
N PRO A 39 9.01 22.98 -2.31
CA PRO A 39 9.94 22.33 -3.24
C PRO A 39 10.02 20.85 -2.89
N ILE A 40 10.20 19.99 -3.90
CA ILE A 40 10.18 18.54 -3.70
C ILE A 40 11.06 18.10 -2.53
N GLU A 41 12.23 18.71 -2.38
CA GLU A 41 13.16 18.32 -1.32
C GLU A 41 12.62 18.59 0.08
N MET A 42 11.85 19.66 0.21
CA MET A 42 11.22 20.02 1.48
C MET A 42 9.99 19.14 1.76
N HIS A 43 9.22 18.86 0.71
CA HIS A 43 8.14 17.87 0.77
C HIS A 43 8.58 16.55 1.40
N ILE A 44 9.73 16.03 0.95
CA ILE A 44 10.27 14.77 1.48
C ILE A 44 10.64 14.92 2.97
N GLN A 45 11.48 15.90 3.28
CA GLN A 45 11.83 16.18 4.67
C GLN A 45 10.62 16.15 5.62
N PHE A 46 9.44 16.46 5.10
CA PHE A 46 8.23 16.55 5.93
C PHE A 46 7.12 15.71 5.31
N GLY A 47 7.49 14.50 4.91
CA GLY A 47 6.59 13.66 4.14
C GLY A 47 6.29 12.37 4.84
N VAL A 48 5.22 11.73 4.40
CA VAL A 48 4.80 10.45 4.93
C VAL A 48 4.37 9.58 3.76
N ILE A 49 4.83 8.34 3.76
CA ILE A 49 4.44 7.43 2.71
C ILE A 49 3.32 6.53 3.20
N ASN A 50 2.24 6.48 2.42
CA ASN A 50 1.19 5.48 2.61
C ASN A 50 1.62 4.22 1.86
N LEU A 51 2.50 3.44 2.47
CA LEU A 51 3.05 2.27 1.80
C LEU A 51 2.10 1.08 1.82
N ASP A 52 2.05 0.35 0.72
CA ASP A 52 1.37 -0.93 0.66
C ASP A 52 2.44 -2.01 0.91
N LYS A 53 2.67 -2.36 2.17
CA LYS A 53 3.66 -3.38 2.49
C LYS A 53 3.34 -4.69 1.77
N PRO A 54 4.36 -5.33 1.20
CA PRO A 54 4.18 -6.65 0.60
C PRO A 54 4.39 -7.73 1.65
N PRO A 55 3.76 -8.90 1.47
CA PRO A 55 3.98 -10.09 2.29
C PRO A 55 5.43 -10.57 2.14
N GLY A 56 6.07 -10.93 3.24
CA GLY A 56 7.45 -11.42 3.19
C GLY A 56 8.26 -10.85 4.32
N PRO A 57 8.77 -9.62 4.12
CA PRO A 57 9.63 -8.86 5.02
C PRO A 57 8.88 -8.33 6.24
N THR A 58 9.61 -8.10 7.32
CA THR A 58 9.07 -7.45 8.50
C THR A 58 8.85 -5.97 8.18
N SER A 59 8.21 -5.24 9.07
CA SER A 59 7.96 -3.83 8.81
C SER A 59 9.26 -3.08 8.97
N HIS A 60 10.09 -3.57 9.86
CA HIS A 60 11.38 -2.95 10.12
C HIS A 60 12.31 -3.02 8.89
N GLU A 61 12.40 -4.20 8.29
CA GLU A 61 13.22 -4.39 7.10
C GLU A 61 12.75 -3.49 5.97
N VAL A 62 11.45 -3.54 5.68
CA VAL A 62 10.84 -2.66 4.70
C VAL A 62 11.28 -1.19 4.85
N VAL A 63 11.15 -0.64 6.04
CA VAL A 63 11.64 0.73 6.30
C VAL A 63 13.14 0.90 6.06
N ALA A 64 13.94 -0.11 6.41
CA ALA A 64 15.40 -0.03 6.20
C ALA A 64 15.74 0.05 4.72
N TRP A 65 15.03 -0.71 3.89
CA TRP A 65 15.21 -0.65 2.45
C TRP A 65 14.91 0.73 1.91
N ILE A 66 13.77 1.27 2.32
CA ILE A 66 13.37 2.62 1.94
C ILE A 66 14.44 3.66 2.25
N LYS A 67 15.01 3.61 3.44
CA LYS A 67 16.07 4.53 3.81
C LYS A 67 17.29 4.45 2.88
N LYS A 68 17.75 3.23 2.61
CA LYS A 68 18.95 3.06 1.81
C LYS A 68 18.64 3.44 0.37
N ILE A 69 17.50 3.00 -0.15
CA ILE A 69 17.14 3.26 -1.55
C ILE A 69 16.78 4.71 -1.84
N LEU A 70 16.11 5.40 -0.92
CA LEU A 70 15.87 6.83 -1.12
C LEU A 70 16.98 7.71 -0.52
N ASN A 71 18.01 7.08 0.03
CA ASN A 71 19.08 7.87 0.62
C ASN A 71 18.52 8.80 1.68
N LEU A 72 17.88 8.21 2.69
CA LEU A 72 17.31 8.98 3.80
C LEU A 72 18.10 8.73 5.07
N GLU A 73 18.16 9.74 5.92
CA GLU A 73 18.78 9.61 7.23
C GLU A 73 17.88 8.89 8.25
N LYS A 74 16.59 9.22 8.23
CA LYS A 74 15.68 8.82 9.29
C LYS A 74 14.33 8.46 8.70
N ALA A 75 13.68 7.48 9.30
CA ALA A 75 12.32 7.10 8.93
C ALA A 75 11.80 6.08 9.92
N GLY A 76 10.52 6.18 10.25
CA GLY A 76 9.89 5.20 11.14
C GLY A 76 8.50 4.84 10.65
N HIS A 77 8.07 3.59 10.85
CA HIS A 77 6.69 3.22 10.53
C HIS A 77 5.74 3.39 11.71
N GLY A 78 4.44 3.33 11.43
CA GLY A 78 3.42 3.28 12.46
C GLY A 78 3.25 1.85 12.94
N GLY A 79 2.01 1.45 13.20
CA GLY A 79 1.72 0.11 13.67
C GLY A 79 2.44 -0.96 12.89
N THR A 80 3.22 -1.77 13.60
CA THR A 80 3.93 -2.87 12.97
C THR A 80 2.98 -3.86 12.32
N LEU A 81 3.29 -4.27 11.10
CA LEU A 81 2.61 -5.37 10.45
C LEU A 81 3.53 -6.58 10.44
N ASP A 82 2.96 -7.75 10.68
CA ASP A 82 3.70 -9.00 10.69
C ASP A 82 4.26 -9.31 9.30
N PRO A 83 5.30 -10.15 9.27
CA PRO A 83 5.92 -10.42 7.97
C PRO A 83 4.94 -10.89 6.87
N LYS A 84 3.97 -11.75 7.19
CA LYS A 84 3.12 -12.34 6.15
C LYS A 84 1.97 -11.41 5.79
N VAL A 85 1.75 -10.39 6.61
CA VAL A 85 0.66 -9.47 6.37
C VAL A 85 1.01 -8.37 5.35
N SER A 86 0.03 -7.97 4.55
CA SER A 86 0.22 -6.85 3.62
C SER A 86 -0.67 -5.65 3.94
N GLY A 87 -0.65 -4.66 3.07
CA GLY A 87 -1.48 -3.49 3.23
C GLY A 87 -0.83 -2.28 3.87
N VAL A 88 -1.67 -1.39 4.36
CA VAL A 88 -1.34 -0.04 4.76
C VAL A 88 -0.29 0.00 5.86
N LEU A 89 0.91 0.43 5.51
CA LEU A 89 1.93 0.67 6.50
C LEU A 89 2.44 2.10 6.36
N PRO A 90 1.99 3.01 7.24
CA PRO A 90 2.42 4.40 7.09
C PRO A 90 3.90 4.54 7.43
N VAL A 91 4.67 5.23 6.60
CA VAL A 91 6.11 5.41 6.85
C VAL A 91 6.46 6.90 6.88
N ALA A 92 6.72 7.43 8.07
CA ALA A 92 7.16 8.81 8.25
C ALA A 92 8.63 9.02 7.87
N LEU A 93 8.93 10.08 7.12
CA LEU A 93 10.31 10.34 6.71
C LEU A 93 10.94 11.53 7.40
N GLU A 94 12.24 11.43 7.69
CA GLU A 94 13.02 12.59 8.09
C GLU A 94 12.49 13.35 9.29
N LYS A 95 12.23 14.64 9.09
CA LYS A 95 11.74 15.51 10.16
C LYS A 95 10.27 15.23 10.54
N ALA A 96 9.58 14.42 9.74
CA ALA A 96 8.20 14.05 10.06
C ALA A 96 8.13 12.79 10.92
N THR A 97 9.28 12.14 11.11
CA THR A 97 9.33 10.81 11.72
C THR A 97 8.58 10.67 13.04
N ARG A 98 8.65 11.69 13.87
CA ARG A 98 7.99 11.64 15.16
C ARG A 98 6.47 11.70 15.09
N VAL A 99 5.87 12.07 13.96
CA VAL A 99 4.39 12.03 13.91
C VAL A 99 3.80 10.63 14.01
N VAL A 100 4.61 9.58 13.93
CA VAL A 100 4.04 8.24 14.07
C VAL A 100 3.35 8.17 15.42
N GLN A 101 3.80 9.02 16.36
CA GLN A 101 3.24 8.97 17.71
C GLN A 101 1.80 9.44 17.75
N ALA A 102 1.37 10.13 16.70
CA ALA A 102 -0.01 10.58 16.58
C ALA A 102 -0.88 9.48 15.99
N LEU A 103 -0.22 8.56 15.29
CA LEU A 103 -0.89 7.49 14.53
C LEU A 103 -1.10 6.25 15.33
N LEU A 104 -0.27 6.05 16.35
CA LEU A 104 -0.21 4.76 17.02
C LEU A 104 -1.50 4.33 17.73
N PRO A 105 -2.13 5.26 18.49
CA PRO A 105 -3.37 4.99 19.22
C PRO A 105 -4.62 4.78 18.33
N ALA A 106 -4.60 5.28 17.10
CA ALA A 106 -5.74 5.19 16.19
C ALA A 106 -6.03 3.79 15.69
N GLY A 107 -7.26 3.60 15.21
CA GLY A 107 -7.83 2.30 14.89
C GLY A 107 -7.46 1.77 13.52
N LYS A 108 -7.59 0.46 13.33
CA LYS A 108 -7.19 -0.18 12.08
C LYS A 108 -8.37 -0.91 11.49
N GLU A 109 -8.22 -1.35 10.26
CA GLU A 109 -9.23 -2.13 9.60
C GLU A 109 -8.50 -3.18 8.78
N TYR A 110 -9.02 -4.41 8.79
CA TYR A 110 -8.39 -5.49 8.04
C TYR A 110 -9.37 -6.29 7.23
N VAL A 111 -8.84 -6.96 6.22
CA VAL A 111 -9.56 -7.97 5.49
C VAL A 111 -8.79 -9.26 5.76
N ALA A 112 -9.43 -10.19 6.45
CA ALA A 112 -8.80 -11.44 6.83
C ALA A 112 -9.45 -12.62 6.15
N LEU A 113 -8.69 -13.69 6.02
CA LEU A 113 -9.19 -14.94 5.49
C LEU A 113 -9.01 -15.97 6.58
N MET A 114 -10.12 -16.40 7.15
CA MET A 114 -10.12 -17.41 8.20
C MET A 114 -10.40 -18.81 7.62
N HIS A 115 -9.63 -19.77 8.10
CA HIS A 115 -9.84 -21.16 7.71
C HIS A 115 -10.32 -22.01 8.90
N LEU A 116 -11.52 -22.57 8.78
CA LEU A 116 -12.10 -23.44 9.80
C LEU A 116 -11.50 -24.81 9.73
N HIS A 117 -11.36 -25.45 10.88
CA HIS A 117 -10.80 -26.80 10.93
C HIS A 117 -11.88 -27.87 10.86
N GLY A 118 -13.14 -27.45 10.81
CA GLY A 118 -14.25 -28.39 10.64
C GLY A 118 -15.41 -27.69 9.95
N ASP A 119 -16.46 -28.44 9.64
CA ASP A 119 -17.63 -27.87 8.96
C ASP A 119 -18.66 -27.21 9.87
N VAL A 120 -19.02 -25.97 9.54
CA VAL A 120 -20.01 -25.18 10.24
C VAL A 120 -20.92 -24.51 9.20
N PRO A 121 -22.24 -24.57 9.39
CA PRO A 121 -23.20 -23.84 8.54
C PRO A 121 -22.89 -22.33 8.44
N GLU A 122 -23.10 -21.76 7.26
CA GLU A 122 -22.88 -20.33 6.98
C GLU A 122 -23.63 -19.39 7.90
N ASP A 123 -24.78 -19.83 8.42
CA ASP A 123 -25.58 -18.99 9.30
C ASP A 123 -25.04 -18.99 10.73
N LYS A 124 -24.51 -20.14 11.16
CA LYS A 124 -23.87 -20.27 12.46
C LYS A 124 -22.66 -19.35 12.48
N ILE A 125 -21.80 -19.51 11.49
CA ILE A 125 -20.61 -18.68 11.36
C ILE A 125 -20.97 -17.22 11.49
N ILE A 126 -21.76 -16.69 10.56
CA ILE A 126 -22.16 -15.28 10.59
C ILE A 126 -22.70 -14.81 11.93
N GLN A 127 -23.50 -15.64 12.58
CA GLN A 127 -24.12 -15.28 13.84
C GLN A 127 -23.11 -15.27 14.99
N VAL A 128 -22.18 -16.23 15.00
CA VAL A 128 -21.18 -16.30 16.07
C VAL A 128 -20.16 -15.16 15.99
N MET A 129 -19.73 -14.83 14.78
CA MET A 129 -18.82 -13.69 14.58
C MET A 129 -19.46 -12.39 14.99
N LYS A 130 -20.76 -12.25 14.73
CA LYS A 130 -21.51 -11.07 15.11
C LYS A 130 -21.31 -10.72 16.59
N GLU A 131 -21.10 -11.75 17.41
CA GLU A 131 -21.04 -11.63 18.87
C GLU A 131 -19.73 -11.08 19.40
N PHE A 132 -18.72 -10.98 18.54
CA PHE A 132 -17.42 -10.47 18.95
C PHE A 132 -17.34 -8.95 18.86
N GLU A 133 -18.28 -8.34 18.15
CA GLU A 133 -18.38 -6.88 18.15
C GLU A 133 -18.51 -6.39 19.59
N GLY A 134 -17.84 -5.30 19.92
CA GLY A 134 -17.82 -4.79 21.27
C GLY A 134 -16.49 -5.14 21.89
N GLU A 135 -16.43 -5.17 23.22
CA GLU A 135 -15.16 -5.48 23.86
C GLU A 135 -14.85 -6.96 23.81
N ILE A 136 -13.56 -7.24 23.75
CA ILE A 136 -13.04 -8.60 23.85
C ILE A 136 -11.80 -8.46 24.71
N ILE A 137 -11.23 -9.60 25.12
CA ILE A 137 -10.03 -9.59 25.93
C ILE A 137 -9.15 -10.71 25.44
N GLN A 138 -7.89 -10.41 25.17
CA GLN A 138 -6.99 -11.42 24.64
C GLN A 138 -5.69 -11.57 25.43
N ARG A 139 -5.08 -12.74 25.30
CA ARG A 139 -3.84 -13.08 26.01
C ARG A 139 -2.62 -12.68 25.17
N LEU A 150 -2.33 -10.14 29.52
CA LEU A 150 -3.78 -10.08 29.40
C LEU A 150 -4.30 -8.63 29.36
N ARG A 151 -5.30 -8.38 28.52
CA ARG A 151 -5.80 -7.01 28.29
C ARG A 151 -7.12 -6.98 27.52
N THR A 152 -7.83 -5.84 27.62
CA THR A 152 -9.10 -5.65 26.93
C THR A 152 -8.98 -4.75 25.68
N ARG A 153 -9.74 -5.08 24.63
CA ARG A 153 -9.56 -4.48 23.33
C ARG A 153 -10.94 -4.36 22.66
N LYS A 154 -11.14 -3.34 21.84
CA LYS A 154 -12.44 -3.13 21.23
C LYS A 154 -12.55 -3.49 19.74
N VAL A 155 -13.59 -4.24 19.40
CA VAL A 155 -13.91 -4.54 18.01
C VAL A 155 -15.09 -3.69 17.53
N TYR A 156 -14.80 -2.73 16.66
CA TYR A 156 -15.82 -1.78 16.24
C TYR A 156 -16.85 -2.41 15.31
N TYR A 157 -16.41 -3.29 14.43
CA TYR A 157 -17.33 -4.00 13.56
C TYR A 157 -16.66 -5.18 12.93
N ILE A 158 -17.50 -6.18 12.60
CA ILE A 158 -17.11 -7.37 11.83
C ILE A 158 -18.09 -7.57 10.67
N GLU A 159 -17.59 -7.79 9.47
CA GLU A 159 -18.46 -7.99 8.33
C GLU A 159 -17.99 -9.22 7.57
N VAL A 160 -18.84 -10.23 7.45
CA VAL A 160 -18.53 -11.42 6.68
C VAL A 160 -18.88 -11.20 5.22
N LEU A 161 -17.87 -11.22 4.36
CA LEU A 161 -18.07 -10.93 2.95
C LEU A 161 -18.44 -12.21 2.21
N GLU A 162 -17.65 -13.25 2.36
CA GLU A 162 -17.89 -14.50 1.65
C GLU A 162 -17.45 -15.70 2.46
N ILE A 163 -18.25 -16.77 2.35
CA ILE A 163 -17.91 -18.05 2.96
C ILE A 163 -17.86 -19.09 1.85
N GLU A 164 -16.77 -19.83 1.79
CA GLU A 164 -16.64 -20.91 0.81
C GLU A 164 -16.20 -22.17 1.52
N GLY A 165 -17.15 -22.80 2.20
CA GLY A 165 -16.87 -24.00 2.96
C GLY A 165 -16.15 -23.66 4.25
N ARG A 166 -14.86 -23.95 4.30
CA ARG A 166 -14.12 -23.64 5.50
C ARG A 166 -13.47 -22.26 5.46
N ASP A 167 -13.50 -21.61 4.31
CA ASP A 167 -12.90 -20.31 4.16
C ASP A 167 -13.89 -19.18 4.37
N VAL A 168 -13.55 -18.29 5.29
CA VAL A 168 -14.42 -17.19 5.63
C VAL A 168 -13.65 -15.92 5.40
N LEU A 169 -14.17 -15.06 4.51
CA LEU A 169 -13.50 -13.79 4.21
C LEU A 169 -14.31 -12.70 4.87
N PHE A 170 -13.65 -11.86 5.67
CA PHE A 170 -14.37 -10.85 6.43
C PHE A 170 -13.52 -9.62 6.69
N ARG A 171 -14.20 -8.51 6.94
CA ARG A 171 -13.56 -7.24 7.26
C ARG A 171 -13.74 -7.04 8.74
N VAL A 172 -12.75 -6.45 9.38
CA VAL A 172 -12.89 -6.13 10.79
C VAL A 172 -12.24 -4.77 11.12
N GLY A 173 -12.94 -3.97 11.91
CA GLY A 173 -12.41 -2.71 12.42
C GLY A 173 -12.10 -2.83 13.90
N VAL A 174 -10.89 -2.45 14.30
CA VAL A 174 -10.49 -2.67 15.69
C VAL A 174 -9.70 -1.52 16.31
N GLU A 175 -9.62 -1.54 17.63
CA GLU A 175 -8.77 -0.64 18.38
C GLU A 175 -7.31 -1.00 18.13
N ALA A 176 -6.41 -0.03 18.25
CA ALA A 176 -4.98 -0.31 18.09
C ALA A 176 -4.54 -1.29 19.16
N GLY A 177 -3.74 -2.27 18.78
CA GLY A 177 -3.37 -3.30 19.73
C GLY A 177 -4.02 -4.66 19.52
N THR A 178 -5.27 -4.69 19.06
CA THR A 178 -5.97 -5.95 18.81
C THR A 178 -5.15 -6.86 17.89
N TYR A 179 -4.94 -8.10 18.31
CA TYR A 179 -4.25 -9.09 17.48
C TYR A 179 -5.28 -9.82 16.67
N ILE A 180 -5.18 -9.75 15.34
CA ILE A 180 -6.16 -10.45 14.54
C ILE A 180 -6.01 -11.98 14.65
N ARG A 181 -4.77 -12.48 14.72
CA ARG A 181 -4.55 -13.92 14.94
C ARG A 181 -5.34 -14.43 16.12
N SER A 182 -5.12 -13.77 17.26
CA SER A 182 -5.74 -14.17 18.50
C SER A 182 -7.26 -14.18 18.32
N LEU A 183 -7.79 -13.10 17.76
CA LEU A 183 -9.23 -12.98 17.51
C LEU A 183 -9.81 -14.13 16.68
N ILE A 184 -9.15 -14.48 15.59
CA ILE A 184 -9.60 -15.55 14.71
C ILE A 184 -9.54 -16.90 15.43
N HIS A 185 -8.53 -17.06 16.25
CA HIS A 185 -8.41 -18.24 17.08
C HIS A 185 -9.61 -18.38 18.02
N HIS A 186 -9.99 -17.28 18.67
CA HIS A 186 -11.10 -17.30 19.63
C HIS A 186 -12.44 -17.54 18.96
N ILE A 187 -12.57 -17.07 17.72
CA ILE A 187 -13.73 -17.37 16.91
C ILE A 187 -13.78 -18.85 16.61
N GLY A 188 -12.61 -19.44 16.35
CA GLY A 188 -12.50 -20.85 16.13
C GLY A 188 -12.98 -21.63 17.34
N LEU A 189 -12.61 -21.18 18.53
CA LEU A 189 -13.06 -21.84 19.74
C LEU A 189 -14.56 -21.70 19.92
N ALA A 190 -15.11 -20.52 19.65
CA ALA A 190 -16.55 -20.30 19.82
C ALA A 190 -17.37 -21.17 18.87
N LEU A 191 -16.85 -21.41 17.67
CA LEU A 191 -17.49 -22.30 16.69
C LEU A 191 -17.24 -23.74 17.06
N GLY A 192 -16.22 -23.97 17.87
CA GLY A 192 -15.90 -25.30 18.34
C GLY A 192 -14.86 -26.07 17.55
N VAL A 193 -14.92 -25.95 16.23
CA VAL A 193 -14.04 -26.76 15.39
C VAL A 193 -12.63 -26.20 15.35
N GLY A 194 -12.46 -24.97 15.82
CA GLY A 194 -11.17 -24.30 15.75
C GLY A 194 -11.00 -23.62 14.41
N ALA A 195 -9.97 -22.81 14.30
CA ALA A 195 -9.77 -21.99 13.10
C ALA A 195 -8.40 -21.39 13.10
N HIS A 196 -7.85 -21.12 11.93
CA HIS A 196 -6.66 -20.26 11.88
C HIS A 196 -6.77 -19.21 10.80
N MET A 197 -5.96 -18.17 10.93
CA MET A 197 -5.85 -17.10 9.93
C MET A 197 -4.86 -17.50 8.83
N SER A 198 -5.30 -17.49 7.59
CA SER A 198 -4.46 -17.93 6.48
C SER A 198 -3.96 -16.76 5.63
N GLU A 199 -4.57 -15.60 5.79
CA GLU A 199 -4.24 -14.44 4.96
C GLU A 199 -4.77 -13.19 5.65
N LEU A 200 -3.96 -12.13 5.68
CA LEU A 200 -4.34 -10.87 6.34
C LEU A 200 -3.82 -9.70 5.54
N ARG A 201 -4.58 -8.62 5.52
CA ARG A 201 -4.22 -7.41 4.82
C ARG A 201 -4.84 -6.24 5.57
N ARG A 202 -4.02 -5.28 5.97
CA ARG A 202 -4.52 -4.12 6.67
C ARG A 202 -5.00 -3.12 5.63
N THR A 203 -6.26 -2.72 5.69
CA THR A 203 -6.80 -1.81 4.68
C THR A 203 -6.92 -0.37 5.15
N ARG A 204 -6.71 -0.15 6.44
CA ARG A 204 -6.78 1.19 6.97
C ARG A 204 -6.08 1.31 8.29
N SER A 205 -5.39 2.42 8.48
CA SER A 205 -4.67 2.66 9.73
C SER A 205 -4.75 4.15 10.05
N GLY A 206 -5.74 4.55 10.83
CA GLY A 206 -5.93 5.95 11.15
C GLY A 206 -6.37 6.74 9.93
N PRO A 207 -5.64 7.80 9.59
CA PRO A 207 -6.04 8.56 8.40
C PRO A 207 -5.56 7.93 7.10
N PHE A 208 -4.87 6.79 7.18
CA PHE A 208 -4.36 6.13 5.97
C PHE A 208 -5.27 5.02 5.52
N LYS A 209 -5.63 5.03 4.24
CA LYS A 209 -6.61 4.11 3.71
C LYS A 209 -6.15 3.62 2.37
N GLU A 210 -6.82 2.60 1.86
CA GLU A 210 -6.59 2.16 0.50
C GLU A 210 -7.18 3.16 -0.51
N ASP A 211 -6.35 4.05 -1.02
CA ASP A 211 -6.79 5.06 -1.97
C ASP A 211 -5.70 5.21 -3.01
N GLU A 212 -5.82 6.21 -3.87
CA GLU A 212 -4.80 6.36 -4.90
C GLU A 212 -3.42 6.70 -4.34
N THR A 213 -3.37 7.13 -3.09
CA THR A 213 -2.11 7.44 -2.43
C THR A 213 -1.38 6.21 -1.92
N LEU A 214 -2.09 5.09 -1.80
CA LEU A 214 -1.49 3.85 -1.34
C LEU A 214 -0.57 3.33 -2.42
N ILE A 215 0.74 3.36 -2.16
CA ILE A 215 1.73 3.03 -3.17
C ILE A 215 2.60 1.82 -2.79
N THR A 216 2.78 0.89 -3.73
CA THR A 216 3.67 -0.26 -3.54
C THR A 216 5.13 0.14 -3.64
N LEU A 217 6.03 -0.78 -3.30
CA LEU A 217 7.47 -0.47 -3.29
C LEU A 217 8.01 -0.26 -4.69
N HIS A 218 7.62 -1.13 -5.61
CA HIS A 218 8.04 -0.98 -7.00
C HIS A 218 7.66 0.41 -7.49
N ASP A 219 6.38 0.76 -7.35
CA ASP A 219 5.97 2.08 -7.80
C ASP A 219 6.75 3.15 -7.08
N LEU A 220 6.93 3.00 -5.78
CA LEU A 220 7.71 3.97 -5.01
C LEU A 220 9.16 4.10 -5.49
N VAL A 221 9.88 3.01 -5.69
CA VAL A 221 11.29 3.18 -6.06
C VAL A 221 11.43 3.58 -7.50
N ASP A 222 10.49 3.17 -8.34
CA ASP A 222 10.52 3.55 -9.75
C ASP A 222 10.26 5.05 -9.89
N TYR A 223 9.33 5.57 -9.09
CA TYR A 223 9.04 6.99 -9.13
C TYR A 223 10.22 7.84 -8.70
N TYR A 224 10.93 7.34 -7.70
CA TYR A 224 12.15 7.95 -7.22
C TYR A 224 13.18 8.11 -8.36
N TYR A 225 13.44 7.04 -9.10
CA TYR A 225 14.34 7.12 -10.24
C TYR A 225 13.81 8.02 -11.34
N PHE A 226 12.52 7.98 -11.59
CA PHE A 226 11.94 8.90 -12.56
C PHE A 226 12.32 10.35 -12.27
N TRP A 227 12.34 10.68 -10.99
CA TRP A 227 12.68 12.04 -10.59
C TRP A 227 14.19 12.24 -10.50
N LYS A 228 14.87 11.29 -9.88
CA LYS A 228 16.29 11.46 -9.60
C LYS A 228 17.16 11.28 -10.85
N GLU A 229 16.67 10.49 -11.80
CA GLU A 229 17.45 10.13 -12.97
C GLU A 229 16.84 10.59 -14.30
N ASP A 230 15.66 11.18 -14.26
CA ASP A 230 15.02 11.68 -15.48
C ASP A 230 14.52 13.13 -15.41
N GLY A 231 14.66 13.79 -14.27
CA GLY A 231 14.11 15.12 -14.10
C GLY A 231 12.58 15.19 -13.97
N ILE A 232 11.90 14.04 -13.99
CA ILE A 232 10.46 13.97 -13.83
C ILE A 232 10.04 13.98 -12.36
N GLU A 233 9.41 15.07 -11.95
CA GLU A 233 9.08 15.30 -10.54
C GLU A 233 7.67 14.82 -10.16
N GLU A 234 6.77 14.80 -11.14
CA GLU A 234 5.36 14.50 -10.90
C GLU A 234 5.16 13.27 -10.02
N TYR A 235 5.62 12.13 -10.52
CA TYR A 235 5.20 10.85 -9.99
C TYR A 235 5.65 10.61 -8.57
N PHE A 236 6.82 11.12 -8.24
CA PHE A 236 7.34 10.92 -6.90
C PHE A 236 6.72 11.89 -5.91
N ARG A 237 6.39 13.09 -6.36
CA ARG A 237 5.69 14.02 -5.49
C ARG A 237 4.38 13.41 -5.01
N LYS A 238 3.62 12.81 -5.92
CA LYS A 238 2.38 12.11 -5.56
C LYS A 238 2.62 10.93 -4.62
N ALA A 239 3.81 10.34 -4.67
CA ALA A 239 4.16 9.21 -3.79
C ALA A 239 4.27 9.61 -2.31
N ILE A 240 4.50 10.89 -2.04
CA ILE A 240 4.75 11.39 -0.69
C ILE A 240 3.60 12.27 -0.25
N GLN A 241 3.07 12.03 0.94
CA GLN A 241 2.03 12.89 1.46
C GLN A 241 2.66 13.88 2.42
N PRO A 242 2.04 15.06 2.56
CA PRO A 242 2.50 16.02 3.55
C PRO A 242 2.24 15.45 4.93
N MET A 243 3.12 15.72 5.89
CA MET A 243 2.93 15.22 7.24
C MET A 243 1.56 15.57 7.82
N GLU A 244 0.98 16.70 7.38
CA GLU A 244 -0.39 17.08 7.76
C GLU A 244 -1.38 15.91 7.64
N LYS A 245 -1.24 15.10 6.59
CA LYS A 245 -2.07 13.91 6.43
C LYS A 245 -2.14 13.05 7.69
N ALA A 246 -1.00 12.90 8.36
CA ALA A 246 -0.88 12.02 9.53
C ALA A 246 -1.66 12.53 10.73
N VAL A 247 -2.33 13.66 10.55
CA VAL A 247 -2.94 14.37 11.65
C VAL A 247 -4.43 14.68 11.34
N GLU A 248 -4.91 14.22 10.19
CA GLU A 248 -6.30 14.45 9.76
C GLU A 248 -7.35 14.01 10.80
N HIS A 249 -6.97 13.08 11.65
CA HIS A 249 -7.91 12.45 12.57
C HIS A 249 -7.93 13.07 13.97
N LEU A 250 -6.98 13.96 14.24
CA LEU A 250 -6.90 14.65 15.54
C LEU A 250 -7.76 15.93 15.60
N PRO A 251 -8.17 16.31 16.81
CA PRO A 251 -8.83 17.60 16.99
C PRO A 251 -7.77 18.65 16.74
N LYS A 252 -8.19 19.78 16.19
CA LYS A 252 -7.22 20.82 15.85
C LYS A 252 -7.56 22.16 16.46
N VAL A 253 -6.53 22.95 16.70
CA VAL A 253 -6.72 24.37 16.96
C VAL A 253 -5.79 25.11 16.03
N TRP A 254 -6.33 26.14 15.42
CA TRP A 254 -5.62 26.89 14.40
C TRP A 254 -5.18 28.19 15.06
N ILE A 255 -3.93 28.57 14.84
CA ILE A 255 -3.38 29.76 15.48
C ILE A 255 -3.07 30.95 14.57
N LYS A 256 -3.15 32.14 15.15
CA LYS A 256 -2.81 33.36 14.44
C LYS A 256 -1.32 33.29 14.10
N ASP A 257 -0.95 33.94 12.99
CA ASP A 257 0.43 33.98 12.52
C ASP A 257 1.44 34.54 13.53
N SER A 258 0.96 35.36 14.46
CA SER A 258 1.84 36.07 15.39
C SER A 258 2.21 35.17 16.55
N ALA A 259 1.54 34.01 16.61
CA ALA A 259 1.83 33.04 17.64
C ALA A 259 2.67 31.88 17.12
N VAL A 260 2.73 31.73 15.80
CA VAL A 260 3.34 30.54 15.20
C VAL A 260 4.81 30.41 15.54
N ALA A 261 5.58 31.49 15.34
CA ALA A 261 7.01 31.44 15.63
C ALA A 261 7.29 31.18 17.11
N ALA A 262 6.53 31.81 17.99
CA ALA A 262 6.67 31.60 19.44
C ALA A 262 6.57 30.13 19.78
N VAL A 263 5.61 29.46 19.15
CA VAL A 263 5.28 28.09 19.47
C VAL A 263 6.32 27.09 18.94
N THR A 264 6.92 27.39 17.79
CA THR A 264 8.00 26.57 17.30
C THR A 264 9.22 26.77 18.19
N HIS A 265 9.18 27.84 18.98
CA HIS A 265 10.28 28.13 19.91
C HIS A 265 10.04 27.60 21.32
N GLY A 266 9.05 26.72 21.46
CA GLY A 266 8.75 26.10 22.75
C GLY A 266 7.78 26.85 23.65
N ALA A 267 7.29 28.01 23.23
CA ALA A 267 6.22 28.69 23.97
C ALA A 267 4.95 27.83 23.99
N ASP A 268 4.27 27.78 25.14
CA ASP A 268 2.95 27.18 25.18
C ASP A 268 1.96 28.08 24.47
N LEU A 269 0.85 27.51 24.04
CA LEU A 269 -0.13 28.29 23.33
C LEU A 269 -1.14 28.90 24.29
N ALA A 270 -1.10 30.22 24.41
CA ALA A 270 -2.05 30.91 25.28
C ALA A 270 -3.33 31.19 24.51
N VAL A 271 -4.40 31.51 25.23
CA VAL A 271 -5.70 31.72 24.62
C VAL A 271 -5.74 32.86 23.56
N PRO A 272 -4.94 33.93 23.72
CA PRO A 272 -5.07 35.02 22.74
C PRO A 272 -4.55 34.69 21.34
N GLY A 273 -3.88 33.55 21.17
CA GLY A 273 -3.34 33.17 19.88
C GLY A 273 -4.18 32.21 19.04
N ILE A 274 -5.35 31.82 19.57
CA ILE A 274 -6.23 30.91 18.86
C ILE A 274 -7.19 31.61 17.91
N ALA A 275 -7.25 31.13 16.68
CA ALA A 275 -8.07 31.75 15.66
C ALA A 275 -9.36 30.98 15.43
N LYS A 276 -9.41 29.74 15.93
CA LYS A 276 -10.35 28.76 15.44
C LYS A 276 -9.96 27.44 16.07
N LEU A 277 -10.93 26.62 16.47
CA LEU A 277 -10.61 25.31 17.02
C LEU A 277 -11.76 24.34 16.77
N HIS A 278 -11.49 23.05 16.91
CA HIS A 278 -12.56 22.06 16.88
C HIS A 278 -13.32 22.07 18.19
N ALA A 279 -14.58 21.65 18.13
CA ALA A 279 -15.33 21.39 19.35
C ALA A 279 -15.04 19.98 19.82
N GLY A 280 -15.31 19.73 21.08
CA GLY A 280 -15.17 18.39 21.63
C GLY A 280 -13.90 18.17 22.41
N ILE A 281 -12.96 19.11 22.34
CA ILE A 281 -11.70 18.94 23.04
C ILE A 281 -11.87 18.98 24.57
N LYS A 282 -11.38 17.95 25.23
CA LYS A 282 -11.41 17.87 26.68
C LYS A 282 -9.98 17.94 27.21
N ARG A 283 -9.78 18.53 28.38
CA ARG A 283 -8.45 18.60 28.96
C ARG A 283 -7.74 17.25 28.83
N GLY A 284 -6.44 17.27 28.61
CA GLY A 284 -5.67 16.05 28.48
C GLY A 284 -5.60 15.50 27.07
N ASP A 285 -6.51 15.94 26.20
CA ASP A 285 -6.61 15.47 24.82
C ASP A 285 -5.36 15.77 24.02
N LEU A 286 -5.03 14.89 23.08
CA LEU A 286 -3.98 15.15 22.11
C LEU A 286 -4.50 15.97 20.92
N VAL A 287 -3.95 17.18 20.75
CA VAL A 287 -4.39 18.08 19.69
C VAL A 287 -3.26 18.51 18.72
N ALA A 288 -3.63 18.66 17.45
CA ALA A 288 -2.71 19.20 16.45
C ALA A 288 -2.90 20.71 16.35
N ILE A 289 -1.79 21.44 16.47
CA ILE A 289 -1.78 22.87 16.29
C ILE A 289 -1.43 23.24 14.85
N MET A 290 -2.36 23.90 14.17
CA MET A 290 -2.17 24.22 12.76
C MET A 290 -2.03 25.72 12.59
N THR A 291 -1.47 26.13 11.45
CA THR A 291 -1.51 27.51 11.02
C THR A 291 -2.76 27.70 10.18
N LEU A 292 -3.11 28.95 9.87
CA LEU A 292 -4.27 29.22 9.03
C LEU A 292 -4.10 28.75 7.57
N LYS A 293 -2.88 28.32 7.23
CA LYS A 293 -2.61 27.71 5.91
C LYS A 293 -2.65 26.19 5.98
N ASP A 294 -2.97 25.67 7.16
CA ASP A 294 -3.10 24.25 7.37
C ASP A 294 -1.73 23.53 7.31
N GLU A 295 -0.67 24.26 7.65
CA GLU A 295 0.60 23.61 7.94
C GLU A 295 0.52 23.15 9.39
N LEU A 296 1.22 22.06 9.69
CA LEU A 296 1.23 21.51 11.04
C LEU A 296 2.36 22.15 11.84
N VAL A 297 2.04 22.72 12.99
CA VAL A 297 3.05 23.42 13.78
C VAL A 297 3.58 22.50 14.85
N ALA A 298 2.67 21.89 15.60
CA ALA A 298 3.05 21.04 16.72
C ALA A 298 1.93 20.12 17.19
N LEU A 299 2.30 19.12 18.00
CA LEU A 299 1.38 18.30 18.76
C LEU A 299 1.39 18.83 20.18
N GLY A 300 0.27 18.70 20.90
CA GLY A 300 0.19 19.21 22.24
C GLY A 300 -0.89 18.53 23.07
N LYS A 301 -0.89 18.77 24.36
CA LYS A 301 -1.93 18.27 25.23
C LYS A 301 -2.80 19.45 25.64
N ALA A 302 -4.11 19.30 25.52
CA ALA A 302 -5.02 20.37 25.88
C ALA A 302 -5.04 20.63 27.41
N MET A 303 -5.09 21.90 27.79
CA MET A 303 -5.17 22.32 29.18
C MET A 303 -6.56 22.86 29.44
N MET A 304 -7.34 22.97 28.38
CA MET A 304 -8.65 23.58 28.46
C MET A 304 -9.61 22.78 27.59
N THR A 305 -10.89 22.88 27.87
CA THR A 305 -11.87 22.30 26.96
C THR A 305 -12.09 23.26 25.80
N SER A 306 -12.68 22.75 24.73
CA SER A 306 -13.01 23.60 23.62
C SER A 306 -13.80 24.82 24.05
N GLN A 307 -14.73 24.64 24.98
CA GLN A 307 -15.54 25.78 25.42
C GLN A 307 -14.76 26.78 26.26
N GLU A 308 -13.90 26.27 27.14
CA GLU A 308 -13.03 27.14 27.92
C GLU A 308 -12.12 28.02 27.05
N MET A 309 -11.44 27.42 26.07
CA MET A 309 -10.57 28.18 25.16
C MET A 309 -11.37 29.28 24.48
N LEU A 310 -12.64 29.00 24.24
CA LEU A 310 -13.48 29.89 23.47
C LEU A 310 -13.98 31.11 24.27
N GLU A 311 -14.33 30.91 25.53
CA GLU A 311 -14.89 31.98 26.34
C GLU A 311 -13.83 32.86 27.00
N LYS A 312 -12.62 32.33 27.16
CA LYS A 312 -11.57 33.04 27.88
C LYS A 312 -10.81 34.08 27.07
N THR A 313 -10.00 34.88 27.75
CA THR A 313 -9.14 35.89 27.10
C THR A 313 -7.70 35.80 27.58
N LYS A 314 -7.46 34.90 28.53
CA LYS A 314 -6.10 34.63 28.99
C LYS A 314 -5.93 33.18 29.45
N GLY A 315 -4.69 32.75 29.63
CA GLY A 315 -4.39 31.40 30.10
C GLY A 315 -3.77 30.53 29.04
N ILE A 316 -3.09 29.47 29.48
CA ILE A 316 -2.54 28.46 28.58
C ILE A 316 -3.62 27.47 28.13
N ALA A 317 -3.79 27.34 26.82
CA ALA A 317 -4.83 26.49 26.26
C ALA A 317 -4.26 25.15 25.80
N VAL A 318 -2.98 25.15 25.43
CA VAL A 318 -2.32 23.92 25.01
C VAL A 318 -0.87 23.91 25.43
N ASP A 319 -0.46 22.85 26.12
CA ASP A 319 0.95 22.61 26.39
C ASP A 319 1.57 22.01 25.15
N VAL A 320 2.49 22.75 24.54
CA VAL A 320 3.22 22.30 23.33
C VAL A 320 4.33 21.32 23.65
N GLU A 321 4.28 20.13 23.03
CA GLU A 321 5.13 19.02 23.44
C GLU A 321 6.04 18.50 22.34
N LYS A 322 5.53 18.43 21.12
CA LYS A 322 6.34 18.07 19.97
C LYS A 322 6.24 19.14 18.87
N VAL A 323 7.36 19.80 18.58
CA VAL A 323 7.38 20.83 17.56
C VAL A 323 7.97 20.29 16.25
N PHE A 324 7.21 20.43 15.15
CA PHE A 324 7.63 19.94 13.83
C PHE A 324 8.08 21.04 12.85
N MET A 325 7.39 22.16 12.86
CA MET A 325 7.71 23.24 11.93
C MET A 325 9.01 23.96 12.32
N PRO A 326 9.89 24.22 11.33
CA PRO A 326 11.17 24.88 11.62
C PRO A 326 10.97 26.31 12.10
N ARG A 327 11.91 26.81 12.91
CA ARG A 327 11.76 28.12 13.53
C ARG A 327 11.71 29.30 12.58
N ASP A 328 12.28 29.15 11.39
CA ASP A 328 12.40 30.29 10.45
C ASP A 328 11.31 30.38 9.37
N TRP A 329 10.26 29.59 9.44
CA TRP A 329 9.20 29.67 8.44
C TRP A 329 8.37 30.92 8.65
N TYR A 330 8.21 31.29 9.92
CA TYR A 330 7.41 32.45 10.28
C TYR A 330 8.33 33.33 11.10
N PRO A 331 8.16 34.66 10.98
CA PRO A 331 9.00 35.66 11.63
C PRO A 331 8.78 35.72 13.14
N LYS A 332 9.75 36.24 13.88
CA LYS A 332 9.59 36.36 15.33
C LYS A 332 8.79 37.60 15.72
N LEU A 333 7.47 37.48 15.58
CA LEU A 333 6.53 38.58 15.78
C LEU A 333 6.30 39.03 17.21
N TRP A 334 7.02 38.46 18.18
CA TRP A 334 6.87 38.89 19.57
C TRP A 334 7.93 39.92 19.93
N PHE B 3 -2.09 -17.36 -2.92
CA PHE B 3 -2.88 -16.33 -2.26
C PHE B 3 -4.29 -16.29 -2.81
N ARG B 4 -5.26 -16.15 -1.92
CA ARG B 4 -6.64 -16.26 -2.35
C ARG B 4 -7.45 -14.95 -2.35
N ILE B 5 -6.99 -13.93 -1.60
CA ILE B 5 -7.78 -12.71 -1.50
C ILE B 5 -7.66 -11.88 -2.78
N ARG B 6 -8.81 -11.51 -3.34
CA ARG B 6 -8.82 -10.73 -4.58
C ARG B 6 -9.63 -9.45 -4.41
N LYS B 7 -9.41 -8.49 -5.31
CA LYS B 7 -10.08 -7.18 -5.23
C LYS B 7 -10.53 -6.61 -6.60
N CYS B 8 -11.81 -6.23 -6.69
CA CYS B 8 -12.42 -5.52 -7.83
C CYS B 8 -11.68 -4.19 -7.97
N PRO B 9 -11.04 -3.95 -9.13
CA PRO B 9 -10.40 -2.65 -9.41
C PRO B 9 -11.42 -1.51 -9.57
N LYS B 10 -12.61 -1.82 -10.08
CA LYS B 10 -13.70 -0.84 -10.24
C LYS B 10 -14.35 -0.42 -8.90
N CYS B 11 -15.01 -1.36 -8.22
CA CYS B 11 -15.76 -1.12 -6.97
C CYS B 11 -14.91 -1.11 -5.67
N GLY B 12 -13.71 -1.68 -5.71
CA GLY B 12 -12.93 -1.88 -4.49
C GLY B 12 -13.36 -3.05 -3.59
N ARG B 13 -14.29 -3.86 -4.08
CA ARG B 13 -14.78 -5.03 -3.33
C ARG B 13 -13.73 -6.14 -3.18
N TYR B 14 -13.68 -6.71 -1.98
CA TYR B 14 -12.80 -7.83 -1.67
C TYR B 14 -13.62 -9.10 -1.80
N THR B 15 -13.03 -10.10 -2.42
CA THR B 15 -13.76 -11.28 -2.81
C THR B 15 -12.74 -12.41 -3.03
N LEU B 16 -13.23 -13.65 -3.11
CA LEU B 16 -12.43 -14.81 -3.51
C LEU B 16 -12.66 -15.18 -4.98
N LYS B 17 -13.67 -14.57 -5.60
CA LYS B 17 -14.06 -14.84 -6.99
C LYS B 17 -13.29 -14.04 -8.05
N GLU B 18 -13.31 -14.51 -9.29
CA GLU B 18 -12.63 -13.77 -10.37
C GLU B 18 -13.52 -12.75 -11.08
N VAL B 19 -14.82 -12.73 -10.79
CA VAL B 19 -15.63 -11.58 -11.17
C VAL B 19 -16.23 -10.88 -9.95
N CYS B 20 -16.14 -9.55 -9.90
CA CYS B 20 -16.80 -8.73 -8.87
C CYS B 20 -18.26 -9.19 -8.79
N PRO B 21 -18.72 -9.60 -7.61
CA PRO B 21 -20.14 -9.97 -7.46
C PRO B 21 -21.02 -8.73 -7.45
N VAL B 22 -20.42 -7.56 -7.21
CA VAL B 22 -21.09 -6.25 -7.18
C VAL B 22 -21.14 -5.60 -8.55
N CYS B 23 -19.97 -5.43 -9.17
CA CYS B 23 -19.79 -4.65 -10.40
C CYS B 23 -19.67 -5.51 -11.68
N GLY B 24 -19.28 -6.77 -11.52
CA GLY B 24 -19.03 -7.63 -12.67
C GLY B 24 -17.62 -7.60 -13.23
N GLU B 25 -16.80 -6.62 -12.81
CA GLU B 25 -15.41 -6.58 -13.30
C GLU B 25 -14.55 -7.81 -12.93
N LYS B 26 -13.49 -8.04 -13.70
CA LYS B 26 -12.50 -9.08 -13.38
C LYS B 26 -11.68 -8.66 -12.17
N THR B 27 -11.43 -9.60 -11.28
CA THR B 27 -10.73 -9.26 -10.05
C THR B 27 -9.23 -9.52 -10.18
N LYS B 28 -8.42 -8.80 -9.39
CA LYS B 28 -6.98 -9.05 -9.33
C LYS B 28 -6.61 -9.40 -7.89
N VAL B 29 -5.55 -10.20 -7.72
CA VAL B 29 -4.98 -10.49 -6.40
C VAL B 29 -4.71 -9.26 -5.54
N ALA B 30 -5.18 -9.28 -4.29
CA ALA B 30 -5.11 -8.14 -3.38
C ALA B 30 -3.70 -7.75 -2.90
N HIS B 31 -2.83 -8.73 -2.71
CA HIS B 31 -1.50 -8.45 -2.18
C HIS B 31 -0.59 -7.87 -3.26
N PRO B 32 0.37 -7.03 -2.84
CA PRO B 32 1.33 -6.49 -3.82
C PRO B 32 2.40 -7.55 -4.10
N PRO B 33 3.11 -7.44 -5.25
CA PRO B 33 4.20 -8.36 -5.61
C PRO B 33 5.37 -8.20 -4.66
N ARG B 34 6.16 -9.26 -4.48
CA ARG B 34 7.27 -9.20 -3.56
C ARG B 34 8.31 -8.28 -4.15
N PHE B 35 9.04 -7.60 -3.28
CA PHE B 35 10.05 -6.65 -3.69
C PHE B 35 11.42 -7.13 -3.20
N SER B 36 12.47 -6.89 -3.97
CA SER B 36 13.84 -7.16 -3.49
C SER B 36 14.62 -5.86 -3.40
N PRO B 37 15.33 -5.66 -2.29
CA PRO B 37 16.26 -4.53 -2.15
C PRO B 37 17.25 -4.48 -3.32
N GLU B 38 17.69 -5.64 -3.80
CA GLU B 38 18.59 -5.74 -4.95
C GLU B 38 17.92 -5.38 -6.27
N ASP B 39 16.62 -5.66 -6.37
CA ASP B 39 15.81 -5.29 -7.55
C ASP B 39 16.59 -5.60 -8.83
N PRO B 40 16.90 -6.89 -9.05
CA PRO B 40 17.71 -7.38 -10.17
C PRO B 40 17.26 -6.85 -11.55
N TYR B 41 15.95 -6.70 -11.75
CA TYR B 41 15.43 -6.36 -13.06
C TYR B 41 14.73 -5.01 -13.15
N GLY B 42 14.96 -4.19 -12.11
CA GLY B 42 14.44 -2.83 -12.05
C GLY B 42 14.68 -2.08 -13.35
N GLU B 43 15.90 -2.14 -13.86
CA GLU B 43 16.24 -1.46 -15.11
C GLU B 43 15.20 -1.76 -16.21
N TYR B 44 14.76 -3.02 -16.28
CA TYR B 44 13.88 -3.46 -17.35
C TYR B 44 12.41 -3.25 -17.04
N ARG B 45 12.05 -3.40 -15.77
CA ARG B 45 10.68 -3.11 -15.36
C ARG B 45 10.39 -1.62 -15.58
N ARG B 46 11.37 -0.79 -15.26
CA ARG B 46 11.24 0.65 -15.49
C ARG B 46 11.08 0.95 -16.97
N ARG B 47 11.86 0.28 -17.80
CA ARG B 47 11.74 0.47 -19.24
C ARG B 47 10.28 0.23 -19.68
N TRP B 48 9.71 -0.90 -19.29
CA TRP B 48 8.30 -1.20 -19.50
C TRP B 48 7.40 -0.09 -18.97
N LYS B 49 7.71 0.40 -17.78
CA LYS B 49 6.83 1.33 -17.08
C LYS B 49 6.83 2.74 -17.68
N ARG B 50 7.97 3.20 -18.18
CA ARG B 50 8.03 4.47 -18.87
C ARG B 50 7.08 4.47 -20.06
N GLU B 51 7.13 3.39 -20.84
CA GLU B 51 6.29 3.27 -22.02
C GLU B 51 4.80 3.21 -21.64
N VAL B 52 4.50 2.66 -20.48
CA VAL B 52 3.12 2.58 -20.00
C VAL B 52 2.59 3.96 -19.56
N LEU B 53 3.45 4.78 -18.95
CA LEU B 53 3.06 6.11 -18.46
C LEU B 53 3.37 7.23 -19.45
N GLY B 54 3.59 6.88 -20.71
CA GLY B 54 3.84 7.88 -21.74
C GLY B 54 4.95 8.88 -21.46
N ILE B 55 5.89 8.50 -20.60
CA ILE B 55 7.02 9.37 -20.32
C ILE B 55 7.92 9.48 -21.54
N LYS C 3 -6.56 -6.49 -22.20
CA LYS C 3 -5.48 -7.39 -21.83
C LYS C 3 -4.23 -6.64 -21.33
N PRO C 4 -3.37 -7.33 -20.56
CA PRO C 4 -2.31 -6.66 -19.78
C PRO C 4 -1.36 -5.79 -20.63
N SER C 5 -0.74 -4.83 -19.96
CA SER C 5 0.12 -3.88 -20.64
C SER C 5 1.46 -4.47 -21.04
N TYR C 6 1.85 -5.56 -20.37
CA TYR C 6 3.11 -6.20 -20.71
C TYR C 6 2.97 -7.05 -21.97
N VAL C 7 1.74 -7.13 -22.48
CA VAL C 7 1.47 -7.86 -23.73
C VAL C 7 1.49 -6.89 -24.89
N LYS C 8 2.54 -6.96 -25.70
CA LYS C 8 2.83 -5.90 -26.65
C LYS C 8 2.31 -6.15 -28.08
N PHE C 9 1.68 -7.29 -28.31
CA PHE C 9 1.00 -7.56 -29.58
C PHE C 9 -0.04 -8.68 -29.52
N GLU C 10 -0.84 -8.80 -30.58
CA GLU C 10 -1.90 -9.80 -30.63
C GLU C 10 -1.43 -11.08 -31.34
N VAL C 11 -1.65 -12.21 -30.70
CA VAL C 11 -1.20 -13.49 -31.25
C VAL C 11 -2.37 -14.40 -31.59
N PRO C 12 -2.58 -14.67 -32.90
CA PRO C 12 -3.62 -15.55 -33.45
C PRO C 12 -3.62 -16.96 -32.84
N LYS C 13 -4.81 -17.51 -32.58
CA LYS C 13 -4.96 -18.83 -32.01
C LYS C 13 -3.95 -19.83 -32.56
N GLU C 14 -3.81 -19.85 -33.89
CA GLU C 14 -2.94 -20.80 -34.55
C GLU C 14 -1.48 -20.59 -34.18
N LEU C 15 -1.08 -19.31 -34.16
CA LEU C 15 0.29 -18.98 -33.82
C LEU C 15 0.63 -19.42 -32.40
N ALA C 16 -0.26 -19.11 -31.47
CA ALA C 16 -0.07 -19.46 -30.07
C ALA C 16 -0.27 -20.96 -29.82
N GLU C 17 -1.03 -21.60 -30.70
CA GLU C 17 -1.15 -23.05 -30.65
C GLU C 17 0.14 -23.78 -31.03
N LYS C 18 0.81 -23.29 -32.07
CA LYS C 18 2.10 -23.85 -32.49
C LYS C 18 3.11 -23.72 -31.36
N ALA C 19 3.04 -22.59 -30.66
CA ALA C 19 3.95 -22.27 -29.56
C ALA C 19 3.89 -23.32 -28.46
N LEU C 20 2.68 -23.81 -28.17
CA LEU C 20 2.52 -24.84 -27.14
C LEU C 20 3.04 -26.19 -27.63
N GLN C 21 2.90 -26.43 -28.94
CA GLN C 21 3.46 -27.63 -29.55
C GLN C 21 4.97 -27.58 -29.51
N ALA C 22 5.52 -26.39 -29.74
CA ALA C 22 6.97 -26.22 -29.69
C ALA C 22 7.50 -26.58 -28.32
N VAL C 23 6.96 -25.94 -27.28
CA VAL C 23 7.36 -26.23 -25.91
C VAL C 23 7.07 -27.69 -25.55
N GLU C 24 6.02 -28.23 -26.15
CA GLU C 24 5.63 -29.63 -25.97
C GLU C 24 6.75 -30.55 -26.43
N ILE C 25 7.10 -30.42 -27.70
CA ILE C 25 8.06 -31.30 -28.34
C ILE C 25 9.48 -31.06 -27.82
N ALA C 26 9.78 -29.81 -27.50
CA ALA C 26 11.11 -29.47 -26.99
C ALA C 26 11.36 -30.12 -25.64
N ARG C 27 10.30 -30.45 -24.91
CA ARG C 27 10.43 -31.03 -23.59
C ARG C 27 11.03 -32.44 -23.66
N ASP C 28 10.41 -33.31 -24.46
CA ASP C 28 10.80 -34.72 -24.48
C ASP C 28 11.83 -35.13 -25.54
N THR C 29 12.20 -34.21 -26.43
CA THR C 29 13.26 -34.46 -27.41
C THR C 29 14.32 -33.36 -27.45
N GLY C 30 14.06 -32.23 -26.79
CA GLY C 30 14.98 -31.12 -26.79
C GLY C 30 15.39 -30.70 -25.38
N LYS C 31 15.36 -29.39 -25.11
CA LYS C 31 15.68 -28.89 -23.78
C LYS C 31 14.99 -27.57 -23.47
N ILE C 32 14.24 -27.54 -22.38
CA ILE C 32 13.56 -26.31 -21.97
C ILE C 32 13.81 -25.89 -20.52
N ARG C 33 13.42 -24.65 -20.20
CA ARG C 33 13.44 -24.18 -18.83
C ARG C 33 12.09 -23.57 -18.53
N LYS C 34 11.63 -23.72 -17.29
CA LYS C 34 10.25 -23.38 -16.94
C LYS C 34 10.21 -22.54 -15.67
N GLY C 35 9.33 -21.55 -15.63
CA GLY C 35 9.26 -20.65 -14.50
C GLY C 35 10.05 -19.42 -14.84
N THR C 36 9.59 -18.29 -14.35
CA THR C 36 10.09 -16.98 -14.74
C THR C 36 11.54 -16.78 -14.28
N ASN C 37 11.92 -17.43 -13.18
CA ASN C 37 13.30 -17.29 -12.72
C ASN C 37 14.32 -18.01 -13.60
N GLU C 38 14.08 -19.29 -13.89
CA GLU C 38 14.93 -20.03 -14.80
C GLU C 38 14.87 -19.42 -16.20
N THR C 39 13.69 -18.91 -16.57
CA THR C 39 13.50 -18.34 -17.89
C THR C 39 14.33 -17.07 -18.05
N THR C 40 14.29 -16.22 -17.02
CA THR C 40 15.06 -15.00 -17.02
C THR C 40 16.58 -15.25 -16.94
N LYS C 41 17.01 -16.27 -16.21
CA LYS C 41 18.45 -16.61 -16.19
C LYS C 41 18.88 -17.02 -17.59
N ALA C 42 18.04 -17.79 -18.26
CA ALA C 42 18.35 -18.31 -19.59
C ALA C 42 18.53 -17.19 -20.60
N VAL C 43 17.72 -16.15 -20.48
CA VAL C 43 17.77 -15.03 -21.42
C VAL C 43 19.01 -14.19 -21.17
N GLU C 44 19.32 -13.95 -19.90
CA GLU C 44 20.48 -13.15 -19.53
C GLU C 44 21.82 -13.85 -19.73
N ARG C 45 21.79 -15.15 -19.93
CA ARG C 45 22.98 -15.93 -20.23
C ARG C 45 23.06 -16.21 -21.73
N GLY C 46 22.06 -15.75 -22.47
CA GLY C 46 22.03 -15.92 -23.90
C GLY C 46 21.96 -17.37 -24.32
N GLN C 47 21.21 -18.18 -23.57
CA GLN C 47 20.99 -19.58 -23.89
C GLN C 47 19.63 -19.82 -24.53
N ALA C 48 18.74 -18.84 -24.39
CA ALA C 48 17.35 -19.00 -24.80
C ALA C 48 17.13 -18.68 -26.29
N LYS C 49 16.42 -19.58 -26.97
CA LYS C 49 16.13 -19.41 -28.39
C LYS C 49 14.78 -18.74 -28.56
N LEU C 50 13.79 -19.18 -27.79
CA LEU C 50 12.45 -18.60 -27.82
C LEU C 50 11.85 -18.53 -26.43
N VAL C 51 11.42 -17.33 -26.03
CA VAL C 51 10.75 -17.13 -24.75
C VAL C 51 9.23 -17.12 -24.96
N ILE C 52 8.52 -17.92 -24.18
CA ILE C 52 7.07 -18.01 -24.26
C ILE C 52 6.44 -17.45 -22.99
N ILE C 53 5.60 -16.42 -23.14
CA ILE C 53 5.05 -15.70 -22.01
C ILE C 53 3.51 -15.83 -21.99
N ALA C 54 2.94 -16.14 -20.82
CA ALA C 54 1.51 -16.34 -20.70
C ALA C 54 0.83 -14.99 -20.52
N GLU C 55 -0.37 -14.85 -21.09
CA GLU C 55 -1.05 -13.55 -21.14
C GLU C 55 -1.82 -13.21 -19.86
N ASP C 56 -2.08 -14.23 -19.03
CA ASP C 56 -2.89 -14.07 -17.81
C ASP C 56 -2.13 -13.99 -16.47
N VAL C 57 -0.99 -13.30 -16.47
CA VAL C 57 -0.15 -13.21 -15.27
C VAL C 57 -0.54 -12.02 -14.38
N ASP C 58 -0.76 -12.31 -13.09
CA ASP C 58 -1.27 -11.33 -12.12
C ASP C 58 -0.60 -11.55 -10.76
N PRO C 59 0.25 -10.61 -10.32
CA PRO C 59 0.63 -9.30 -10.87
C PRO C 59 1.49 -9.31 -12.13
N GLU C 60 1.27 -8.29 -12.97
CA GLU C 60 2.07 -8.06 -14.17
C GLU C 60 3.57 -8.10 -13.89
N GLU C 61 4.01 -7.40 -12.85
CA GLU C 61 5.43 -7.29 -12.49
C GLU C 61 6.18 -8.63 -12.50
N ILE C 62 5.45 -9.74 -12.35
CA ILE C 62 6.07 -11.05 -12.37
C ILE C 62 6.82 -11.26 -13.71
N VAL C 63 6.21 -10.81 -14.81
CA VAL C 63 6.84 -11.00 -16.12
C VAL C 63 7.06 -9.72 -16.92
N ALA C 64 6.61 -8.59 -16.42
CA ALA C 64 6.64 -7.35 -17.21
C ALA C 64 8.05 -6.97 -17.69
N HIS C 65 9.06 -7.48 -16.99
CA HIS C 65 10.47 -7.26 -17.34
C HIS C 65 10.96 -8.14 -18.51
N LEU C 66 10.20 -9.18 -18.87
CA LEU C 66 10.67 -10.13 -19.87
C LEU C 66 10.74 -9.58 -21.30
N PRO C 67 9.68 -8.88 -21.75
CA PRO C 67 9.74 -8.32 -23.10
C PRO C 67 10.92 -7.34 -23.32
N PRO C 68 11.06 -6.29 -22.48
CA PRO C 68 12.23 -5.42 -22.63
C PRO C 68 13.57 -6.17 -22.56
N LEU C 69 13.65 -7.20 -21.72
CA LEU C 69 14.87 -7.99 -21.55
C LEU C 69 15.22 -8.73 -22.84
N CYS C 70 14.22 -9.39 -23.41
CA CYS C 70 14.40 -10.13 -24.65
C CYS C 70 14.84 -9.25 -25.82
N GLU C 71 14.32 -8.03 -25.90
CA GLU C 71 14.71 -7.12 -26.97
C GLU C 71 16.17 -6.68 -26.82
N GLU C 72 16.55 -6.29 -25.61
CA GLU C 72 17.94 -6.01 -25.28
C GLU C 72 18.85 -7.11 -25.83
N LYS C 73 18.48 -8.36 -25.57
CA LYS C 73 19.31 -9.51 -25.89
C LYS C 73 19.04 -10.07 -27.29
N GLU C 74 18.07 -9.48 -27.98
CA GLU C 74 17.69 -9.91 -29.32
C GLU C 74 17.22 -11.35 -29.36
N ILE C 75 16.34 -11.68 -28.42
CA ILE C 75 15.74 -12.99 -28.32
C ILE C 75 14.25 -12.88 -28.61
N PRO C 76 13.73 -13.76 -29.49
CA PRO C 76 12.32 -13.81 -29.89
C PRO C 76 11.43 -14.28 -28.76
N TYR C 77 10.25 -13.68 -28.62
CA TYR C 77 9.29 -14.11 -27.61
C TYR C 77 7.88 -14.06 -28.13
N ILE C 78 7.01 -14.86 -27.53
CA ILE C 78 5.67 -14.96 -28.02
C ILE C 78 4.72 -15.16 -26.86
N TYR C 79 3.44 -14.92 -27.10
CA TYR C 79 2.42 -15.00 -26.06
C TYR C 79 1.48 -16.16 -26.27
N VAL C 80 1.33 -16.97 -25.24
CA VAL C 80 0.34 -18.02 -25.23
C VAL C 80 -0.73 -17.54 -24.28
N PRO C 81 -1.98 -17.99 -24.47
CA PRO C 81 -3.14 -17.39 -23.79
C PRO C 81 -3.22 -17.72 -22.30
N SER C 82 -2.90 -18.96 -21.95
CA SER C 82 -3.09 -19.44 -20.60
C SER C 82 -1.80 -19.99 -19.99
N LYS C 83 -1.58 -19.65 -18.71
CA LYS C 83 -0.40 -20.10 -17.98
C LYS C 83 -0.58 -21.48 -17.34
N LYS C 84 -1.82 -21.95 -17.26
CA LYS C 84 -2.09 -23.30 -16.78
C LYS C 84 -1.60 -24.30 -17.82
N GLU C 85 -2.00 -24.07 -19.07
CA GLU C 85 -1.68 -24.97 -20.18
C GLU C 85 -0.23 -24.81 -20.63
N LEU C 86 0.38 -23.68 -20.29
CA LEU C 86 1.80 -23.47 -20.58
C LEU C 86 2.64 -24.28 -19.61
N GLY C 87 2.13 -24.44 -18.39
CA GLY C 87 2.75 -25.32 -17.41
C GLY C 87 2.61 -26.78 -17.80
N ALA C 88 1.42 -27.18 -18.23
CA ALA C 88 1.15 -28.55 -18.63
C ALA C 88 2.07 -28.96 -19.76
N ALA C 89 2.32 -28.04 -20.68
CA ALA C 89 3.13 -28.31 -21.87
C ALA C 89 4.61 -28.52 -21.53
N ALA C 90 5.06 -27.86 -20.46
CA ALA C 90 6.45 -27.97 -20.01
C ALA C 90 6.63 -29.19 -19.11
N GLY C 91 5.55 -29.94 -18.90
CA GLY C 91 5.61 -31.18 -18.15
C GLY C 91 5.54 -30.98 -16.65
N ILE C 92 4.61 -30.14 -16.21
CA ILE C 92 4.34 -29.98 -14.78
C ILE C 92 2.83 -29.83 -14.53
N GLU C 93 2.37 -30.24 -13.35
CA GLU C 93 0.94 -30.17 -13.01
C GLU C 93 0.55 -28.82 -12.46
N VAL C 94 1.51 -27.89 -12.51
CA VAL C 94 1.32 -26.55 -11.99
C VAL C 94 1.51 -25.55 -13.13
N ALA C 95 1.00 -24.33 -12.97
CA ALA C 95 1.14 -23.32 -14.00
C ALA C 95 2.59 -22.91 -14.25
N ALA C 96 2.81 -22.20 -15.34
CA ALA C 96 4.11 -21.60 -15.63
C ALA C 96 3.93 -20.22 -16.26
N ALA C 97 4.32 -19.17 -15.56
CA ALA C 97 4.17 -17.83 -16.11
C ALA C 97 5.00 -17.67 -17.38
N SER C 98 6.19 -18.27 -17.40
CA SER C 98 7.06 -18.18 -18.57
C SER C 98 7.94 -19.40 -18.72
N VAL C 99 8.39 -19.63 -19.96
CA VAL C 99 9.16 -20.79 -20.37
C VAL C 99 10.13 -20.45 -21.50
N ALA C 100 11.36 -20.90 -21.37
CA ALA C 100 12.32 -20.71 -22.45
C ALA C 100 12.60 -22.05 -23.09
N ILE C 101 12.71 -22.04 -24.41
CA ILE C 101 13.14 -23.21 -25.13
C ILE C 101 14.62 -23.02 -25.38
N ILE C 102 15.43 -23.93 -24.84
CA ILE C 102 16.88 -23.75 -24.85
C ILE C 102 17.49 -24.43 -26.05
N GLU C 103 17.16 -25.70 -26.23
CA GLU C 103 17.54 -26.42 -27.43
C GLU C 103 16.30 -27.05 -28.08
N PRO C 104 15.93 -26.55 -29.26
CA PRO C 104 14.70 -26.84 -30.01
C PRO C 104 14.34 -28.33 -30.14
N GLY C 105 15.33 -29.20 -30.30
CA GLY C 105 15.05 -30.61 -30.55
C GLY C 105 14.31 -30.82 -31.85
N LYS C 106 13.24 -31.62 -31.83
CA LYS C 106 12.50 -31.96 -33.04
C LYS C 106 11.58 -30.84 -33.52
N ALA C 107 11.25 -29.92 -32.64
CA ALA C 107 10.46 -28.77 -33.02
C ALA C 107 11.38 -27.69 -33.57
N ARG C 108 12.40 -28.13 -34.30
CA ARG C 108 13.45 -27.23 -34.79
C ARG C 108 12.95 -26.27 -35.87
N ASP C 109 12.24 -26.82 -36.86
CA ASP C 109 11.64 -26.00 -37.91
C ASP C 109 10.44 -25.20 -37.38
N LEU C 110 9.56 -25.89 -36.66
CA LEU C 110 8.41 -25.28 -36.01
C LEU C 110 8.74 -23.95 -35.31
N VAL C 111 9.93 -23.88 -34.72
CA VAL C 111 10.39 -22.70 -33.98
C VAL C 111 11.02 -21.62 -34.86
N GLU C 112 11.70 -22.03 -35.93
CA GLU C 112 12.19 -21.08 -36.93
C GLU C 112 10.98 -20.29 -37.46
N GLU C 113 9.89 -21.00 -37.74
CA GLU C 113 8.67 -20.38 -38.26
C GLU C 113 8.08 -19.38 -37.28
N ILE C 114 7.94 -19.81 -36.03
CA ILE C 114 7.33 -18.97 -35.02
C ILE C 114 8.10 -17.67 -34.88
N ALA C 115 9.42 -17.73 -35.04
CA ALA C 115 10.22 -16.52 -34.93
C ALA C 115 9.93 -15.60 -36.09
N MET C 116 9.67 -16.21 -37.25
CA MET C 116 9.28 -15.46 -38.45
C MET C 116 8.00 -14.66 -38.18
N LYS C 117 6.93 -15.36 -37.81
CA LYS C 117 5.63 -14.70 -37.66
C LYS C 117 5.67 -13.57 -36.62
N VAL C 118 6.51 -13.71 -35.59
CA VAL C 118 6.63 -12.68 -34.56
C VAL C 118 7.48 -11.52 -35.05
N LYS C 119 8.38 -11.81 -35.98
CA LYS C 119 9.17 -10.77 -36.61
C LYS C 119 8.22 -9.69 -37.13
N GLU C 120 7.19 -10.12 -37.85
CA GLU C 120 6.22 -9.22 -38.45
C GLU C 120 5.38 -8.53 -37.39
N LEU C 121 4.87 -9.31 -36.45
CA LEU C 121 4.01 -8.80 -35.40
C LEU C 121 4.63 -7.66 -34.59
N MET C 122 5.91 -7.40 -34.78
CA MET C 122 6.56 -6.30 -34.06
C MET C 122 6.42 -4.96 -34.78
ZN ZN F . -19.87 -2.48 -7.99
#